data_7M4K
#
_entry.id   7M4K
#
_cell.length_a   56.001
_cell.length_b   62.507
_cell.length_c   140.191
_cell.angle_alpha   90.000
_cell.angle_beta   90.000
_cell.angle_gamma   90.000
#
_symmetry.space_group_name_H-M   'P 21 21 21'
#
loop_
_entity.id
_entity.type
_entity.pdbx_description
1 polymer 'DNA polymerase lambda'
2 polymer "DNA (5'-D(*CP*GP*GP*CP*AP*GP*TP*AP*CP*TP*G)-3')"
3 polymer "DNA (5'-D(*CP*AP*GP*TP*AP*C)-3')"
4 polymer "DNA (5'-D(P*GP*CP*CP*G)-3')"
5 non-polymer 'CALCIUM ION'
6 non-polymer 'SODIUM ION'
7 non-polymer 1,2-ETHANEDIOL
8 non-polymer '[[(2~{R},3~{S},5~{R})-5-[5-methyl-2,4-bis(oxidanylidene)pyrimidin-1-yl]-3-oxidanyl-oxolan-2-yl]methoxy-sulfanyl-phosphoryl] phosphono hydrogen phosphate'
9 water water
#
loop_
_entity_poly.entity_id
_entity_poly.type
_entity_poly.pdbx_seq_one_letter_code
_entity_poly.pdbx_strand_id
1 'polypeptide(L)'
;AQPSSQKATNHNLHITEKLEVLAKAYSVQGDKWRALGYAKAINALKSFHKPVTSYQEACSIPGIGKRMAEKIIEILESGH
LRKLDHISESVPVLELFSNIWGAGTKTAQMWYQQGFRSLEDIRSQASLTTQQAIGLKHYSDFLERMPREEATEIEQTVQK
AAQAFNSGLLCVACGSYRRGKATCGDVDVLITHPDGRSHRGIFSRLLDSLRQEGFLTDDLVKGETKYLGVCRLPGPGRRH
RRLDIIVVPYSEFACALLYFTGSAHFNRSMRALAKTKGMSLSEHALSTAVVRNTHGAKVGPGRVLPTPTEKDVFRLLGLP
YREPAERDW
;
A
2 'polydeoxyribonucleotide' (DC)(DG)(DG)(DC)(DA)(DG)(DT)(DA)(DC)(DT)(DG) T
3 'polydeoxyribonucleotide' (DC)(DA)(DG)(DT)(DA)(DC) P
4 'polydeoxyribonucleotide' (DG)(DC)(DC)(DG) D
#
# COMPACT_ATOMS: atom_id res chain seq x y z
N ASN A 10 20.20 -9.29 2.20
CA ASN A 10 19.41 -10.51 2.09
C ASN A 10 20.34 -11.70 1.82
N HIS A 11 20.41 -12.61 2.79
CA HIS A 11 21.26 -13.80 2.71
C HIS A 11 20.73 -14.83 1.74
N ASN A 12 19.46 -14.73 1.36
CA ASN A 12 18.78 -15.81 0.66
C ASN A 12 18.11 -15.34 -0.62
N LEU A 13 18.81 -14.51 -1.42
CA LEU A 13 18.21 -14.02 -2.66
C LEU A 13 18.04 -15.12 -3.69
N HIS A 14 18.96 -16.09 -3.71
CA HIS A 14 18.78 -17.25 -4.58
C HIS A 14 17.53 -18.03 -4.23
N ILE A 15 17.01 -17.86 -3.02
CA ILE A 15 15.75 -18.47 -2.62
C ILE A 15 14.59 -17.52 -2.94
N THR A 16 14.64 -16.31 -2.39
CA THR A 16 13.46 -15.45 -2.44
C THR A 16 13.13 -15.04 -3.87
N GLU A 17 14.13 -14.87 -4.72
CA GLU A 17 13.87 -14.48 -6.11
C GLU A 17 12.97 -15.51 -6.79
N LYS A 18 13.19 -16.79 -6.49
CA LYS A 18 12.33 -17.83 -7.05
C LYS A 18 10.95 -17.79 -6.40
N LEU A 19 10.89 -17.69 -5.07
CA LEU A 19 9.60 -17.69 -4.40
C LEU A 19 8.75 -16.50 -4.83
N GLU A 20 9.35 -15.35 -5.13
CA GLU A 20 8.54 -14.19 -5.44
C GLU A 20 7.79 -14.38 -6.74
N VAL A 21 8.34 -15.20 -7.65
CA VAL A 21 7.66 -15.48 -8.91
C VAL A 21 6.39 -16.27 -8.66
N LEU A 22 6.48 -17.28 -7.80
CA LEU A 22 5.28 -18.03 -7.41
C LEU A 22 4.30 -17.15 -6.65
N ALA A 23 4.78 -16.35 -5.71
CA ALA A 23 3.88 -15.48 -4.97
C ALA A 23 3.05 -14.63 -5.93
N LYS A 24 3.73 -14.02 -6.91
CA LYS A 24 3.03 -13.16 -7.86
C LYS A 24 2.03 -13.96 -8.68
N ALA A 25 2.43 -15.15 -9.11
CA ALA A 25 1.55 -16.02 -9.88
C ALA A 25 0.27 -16.33 -9.11
N TYR A 26 0.40 -16.82 -7.87
CA TYR A 26 -0.79 -17.02 -7.06
C TYR A 26 -1.59 -15.74 -6.89
N SER A 27 -0.92 -14.59 -6.71
CA SER A 27 -1.67 -13.35 -6.46
C SER A 27 -2.55 -12.96 -7.64
N VAL A 28 -1.96 -12.89 -8.85
CA VAL A 28 -2.75 -12.43 -10.00
C VAL A 28 -3.84 -13.43 -10.37
N GLN A 29 -3.67 -14.70 -10.03
CA GLN A 29 -4.72 -15.67 -10.24
C GLN A 29 -5.76 -15.69 -9.14
N GLY A 30 -5.65 -14.83 -8.14
CA GLY A 30 -6.71 -14.71 -7.16
C GLY A 30 -6.56 -15.59 -5.94
N ASP A 31 -5.47 -16.34 -5.81
CA ASP A 31 -5.27 -17.22 -4.66
C ASP A 31 -4.63 -16.39 -3.53
N LYS A 32 -5.50 -15.56 -2.94
CA LYS A 32 -5.12 -14.50 -2.00
C LYS A 32 -4.31 -15.01 -0.85
N TRP A 33 -4.75 -16.10 -0.26
CA TRP A 33 -4.22 -16.55 1.02
C TRP A 33 -2.95 -17.33 0.81
N ARG A 34 -2.89 -18.14 -0.24
CA ARG A 34 -1.64 -18.79 -0.55
C ARG A 34 -0.58 -17.75 -0.86
N ALA A 35 -0.97 -16.72 -1.62
CA ALA A 35 -0.03 -15.64 -1.94
C ALA A 35 0.47 -14.96 -0.67
N LEU A 36 -0.41 -14.75 0.29
CA LEU A 36 0.00 -14.12 1.55
C LEU A 36 1.05 -14.97 2.26
N GLY A 37 0.77 -16.27 2.41
CA GLY A 37 1.76 -17.16 3.01
C GLY A 37 3.10 -17.05 2.34
N TYR A 38 3.11 -17.03 1.00
CA TYR A 38 4.38 -16.84 0.30
C TYR A 38 5.02 -15.51 0.66
N ALA A 39 4.23 -14.43 0.60
CA ALA A 39 4.78 -13.10 0.90
C ALA A 39 5.45 -13.07 2.27
N LYS A 40 4.83 -13.71 3.26
CA LYS A 40 5.38 -13.68 4.60
C LYS A 40 6.64 -14.51 4.71
N ALA A 41 6.65 -15.69 4.09
CA ALA A 41 7.86 -16.50 4.10
C ALA A 41 9.01 -15.77 3.44
N ILE A 42 8.71 -15.02 2.38
CA ILE A 42 9.77 -14.30 1.66
C ILE A 42 10.41 -13.27 2.57
N ASN A 43 9.60 -12.55 3.36
CA ASN A 43 10.17 -11.54 4.24
C ASN A 43 10.90 -12.20 5.42
N ALA A 44 10.28 -13.22 6.02
CA ALA A 44 10.99 -14.01 7.01
C ALA A 44 12.37 -14.43 6.48
N LEU A 45 12.42 -14.89 5.22
CA LEU A 45 13.70 -15.29 4.63
C LEU A 45 14.63 -14.09 4.46
N LYS A 46 14.10 -12.96 4.01
CA LYS A 46 14.91 -11.76 3.95
C LYS A 46 15.27 -11.29 5.33
N SER A 47 14.67 -11.81 6.37
CA SER A 47 15.12 -11.20 7.60
C SER A 47 15.99 -12.13 8.46
N PHE A 48 16.36 -13.29 7.95
CA PHE A 48 17.34 -14.15 8.64
C PHE A 48 18.76 -13.68 8.29
N HIS A 49 19.68 -13.78 9.25
CA HIS A 49 21.03 -13.30 9.02
C HIS A 49 21.71 -14.08 7.89
N LYS A 50 21.83 -15.38 8.04
CA LYS A 50 22.66 -16.17 7.16
C LYS A 50 21.81 -16.93 6.15
N PRO A 51 22.45 -17.44 5.09
CA PRO A 51 21.73 -18.29 4.13
C PRO A 51 21.14 -19.52 4.83
N VAL A 52 19.96 -19.92 4.35
CA VAL A 52 19.28 -21.12 4.86
C VAL A 52 20.05 -22.36 4.37
N THR A 53 20.44 -23.23 5.30
CA THR A 53 21.30 -24.36 4.96
C THR A 53 20.63 -25.72 5.09
N SER A 54 19.70 -25.88 6.04
CA SER A 54 19.08 -27.17 6.30
C SER A 54 17.56 -27.02 6.33
N TYR A 55 16.87 -28.11 5.97
CA TYR A 55 15.43 -28.20 6.13
C TYR A 55 15.02 -27.79 7.55
N GLN A 56 15.67 -28.36 8.56
CA GLN A 56 15.38 -28.00 9.95
C GLN A 56 15.83 -26.57 10.27
N GLU A 57 16.83 -26.05 9.55
CA GLU A 57 17.13 -24.63 9.62
C GLU A 57 15.97 -23.79 9.09
N ALA A 58 15.24 -24.31 8.11
CA ALA A 58 14.19 -23.51 7.49
C ALA A 58 12.96 -23.42 8.39
N CYS A 59 12.51 -24.57 8.91
CA CYS A 59 11.38 -24.55 9.82
C CYS A 59 11.66 -23.67 11.04
N SER A 60 12.93 -23.47 11.38
CA SER A 60 13.25 -22.60 12.50
C SER A 60 12.64 -21.22 12.32
N ILE A 61 12.50 -20.76 11.08
CA ILE A 61 12.04 -19.39 10.83
C ILE A 61 10.52 -19.35 11.00
N PRO A 62 9.98 -18.33 11.69
CA PRO A 62 8.53 -18.15 11.71
C PRO A 62 8.04 -17.71 10.33
N GLY A 63 7.03 -18.41 9.84
CA GLY A 63 6.53 -18.19 8.50
C GLY A 63 7.01 -19.21 7.50
N ILE A 64 7.79 -20.19 7.93
CA ILE A 64 8.32 -21.23 7.06
C ILE A 64 7.86 -22.58 7.61
N GLY A 65 7.04 -23.29 6.84
CA GLY A 65 6.58 -24.61 7.20
C GLY A 65 7.22 -25.71 6.36
N LYS A 66 6.62 -26.91 6.49
CA LYS A 66 7.11 -28.07 5.76
C LYS A 66 7.13 -27.83 4.25
N ARG A 67 6.01 -27.36 3.70
CA ARG A 67 5.92 -27.14 2.27
C ARG A 67 6.99 -26.15 1.79
N MET A 68 7.19 -25.07 2.56
N MET A 68 7.18 -25.05 2.53
CA MET A 68 8.15 -24.05 2.14
CA MET A 68 8.15 -24.06 2.11
C MET A 68 9.58 -24.54 2.31
C MET A 68 9.57 -24.60 2.27
N ALA A 69 9.87 -25.21 3.43
CA ALA A 69 11.20 -25.77 3.63
C ALA A 69 11.53 -26.79 2.55
N GLU A 70 10.54 -27.58 2.12
CA GLU A 70 10.77 -28.50 1.02
C GLU A 70 11.19 -27.75 -0.24
N LYS A 71 10.60 -26.59 -0.49
CA LYS A 71 10.94 -25.83 -1.69
C LYS A 71 12.30 -25.17 -1.55
N ILE A 72 12.70 -24.81 -0.32
CA ILE A 72 14.01 -24.21 -0.14
C ILE A 72 15.11 -25.25 -0.31
N ILE A 73 14.87 -26.50 0.09
CA ILE A 73 15.90 -27.53 -0.09
C ILE A 73 16.07 -27.86 -1.57
N GLU A 74 14.95 -28.02 -2.30
CA GLU A 74 15.06 -28.24 -3.74
C GLU A 74 15.89 -27.13 -4.38
N ILE A 75 15.68 -25.89 -3.94
CA ILE A 75 16.40 -24.77 -4.52
C ILE A 75 17.90 -24.91 -4.26
N LEU A 76 18.28 -25.39 -3.07
CA LEU A 76 19.70 -25.48 -2.72
C LEU A 76 20.37 -26.68 -3.38
N GLU A 77 19.71 -27.85 -3.39
CA GLU A 77 20.28 -29.02 -4.03
C GLU A 77 20.25 -28.92 -5.55
N SER A 78 19.28 -28.16 -6.08
CA SER A 78 19.04 -28.05 -7.52
C SER A 78 19.50 -26.74 -8.12
N GLY A 79 19.52 -25.67 -7.34
CA GLY A 79 19.60 -24.34 -7.93
C GLY A 79 18.33 -23.89 -8.62
N HIS A 80 17.24 -24.66 -8.52
CA HIS A 80 16.02 -24.31 -9.21
C HIS A 80 14.81 -24.90 -8.51
N LEU A 81 13.63 -24.35 -8.84
CA LEU A 81 12.36 -24.85 -8.30
C LEU A 81 11.48 -25.25 -9.47
N ARG A 82 11.19 -26.54 -9.57
CA ARG A 82 10.52 -27.05 -10.77
C ARG A 82 9.11 -26.48 -10.92
N LYS A 83 8.45 -26.13 -9.82
CA LYS A 83 7.09 -25.61 -9.99
C LYS A 83 7.08 -24.35 -10.86
N LEU A 84 8.20 -23.62 -10.92
CA LEU A 84 8.23 -22.45 -11.80
C LEU A 84 8.01 -22.83 -13.26
N ASP A 85 8.29 -24.08 -13.62
CA ASP A 85 8.13 -24.52 -15.00
C ASP A 85 6.70 -24.80 -15.40
N HIS A 86 5.78 -24.79 -14.43
CA HIS A 86 4.38 -25.12 -14.68
C HIS A 86 3.45 -23.95 -14.42
N ILE A 87 3.99 -22.75 -14.26
CA ILE A 87 3.14 -21.58 -14.09
C ILE A 87 2.37 -21.35 -15.38
N SER A 88 1.07 -21.09 -15.25
CA SER A 88 0.22 -20.97 -16.43
C SER A 88 0.68 -19.83 -17.33
N GLU A 89 0.56 -20.03 -18.66
CA GLU A 89 0.87 -18.99 -19.64
C GLU A 89 -0.01 -17.77 -19.49
N SER A 90 -1.12 -17.86 -18.74
CA SER A 90 -1.96 -16.68 -18.57
C SER A 90 -1.36 -15.67 -17.60
N VAL A 91 -0.40 -16.09 -16.79
CA VAL A 91 0.01 -15.25 -15.65
C VAL A 91 0.58 -13.92 -16.12
N PRO A 92 1.46 -13.86 -17.13
CA PRO A 92 2.01 -12.56 -17.54
C PRO A 92 0.96 -11.62 -18.04
N VAL A 93 -0.07 -12.14 -18.72
CA VAL A 93 -1.18 -11.31 -19.16
C VAL A 93 -2.04 -10.84 -17.98
N LEU A 94 -2.32 -11.73 -17.05
CA LEU A 94 -3.07 -11.30 -15.88
C LEU A 94 -2.34 -10.23 -15.11
N GLU A 95 -1.00 -10.32 -15.05
CA GLU A 95 -0.21 -9.29 -14.39
C GLU A 95 -0.31 -7.98 -15.16
N LEU A 96 -0.23 -8.06 -16.48
CA LEU A 96 -0.35 -6.86 -17.30
C LEU A 96 -1.67 -6.15 -17.06
N PHE A 97 -2.76 -6.93 -17.04
CA PHE A 97 -4.08 -6.33 -16.87
C PHE A 97 -4.29 -5.82 -15.44
N SER A 98 -3.85 -6.57 -14.43
CA SER A 98 -4.12 -6.08 -13.07
C SER A 98 -3.18 -4.96 -12.64
N ASN A 99 -2.16 -4.61 -13.45
CA ASN A 99 -1.43 -3.40 -13.20
C ASN A 99 -2.14 -2.13 -13.69
N ILE A 100 -3.33 -2.24 -14.29
CA ILE A 100 -4.24 -1.11 -14.52
C ILE A 100 -4.88 -0.75 -13.17
N TRP A 101 -4.69 0.48 -12.71
CA TRP A 101 -5.37 0.93 -11.49
C TRP A 101 -6.89 0.79 -11.63
N GLY A 102 -7.53 0.05 -10.70
CA GLY A 102 -8.96 -0.15 -10.79
C GLY A 102 -9.38 -1.50 -11.34
N ALA A 103 -8.43 -2.27 -11.86
CA ALA A 103 -8.65 -3.62 -12.34
C ALA A 103 -7.86 -4.55 -11.43
N GLY A 104 -8.54 -5.51 -10.82
CA GLY A 104 -7.92 -6.50 -10.01
C GLY A 104 -7.97 -7.87 -10.65
N THR A 105 -7.80 -8.89 -9.81
CA THR A 105 -7.77 -10.25 -10.33
CA THR A 105 -7.76 -10.26 -10.32
C THR A 105 -9.06 -10.67 -11.04
N LYS A 106 -10.25 -10.30 -10.51
CA LYS A 106 -11.50 -10.74 -11.17
C LYS A 106 -11.67 -10.11 -12.56
N THR A 107 -11.37 -8.82 -12.67
CA THR A 107 -11.42 -8.14 -13.98
C THR A 107 -10.39 -8.71 -14.93
N ALA A 108 -9.16 -8.91 -14.46
CA ALA A 108 -8.13 -9.49 -15.31
C ALA A 108 -8.55 -10.86 -15.84
N GLN A 109 -9.06 -11.74 -14.97
CA GLN A 109 -9.45 -13.08 -15.42
C GLN A 109 -10.62 -13.01 -16.40
N MET A 110 -11.56 -12.09 -16.17
CA MET A 110 -12.66 -11.93 -17.10
C MET A 110 -12.17 -11.48 -18.47
N TRP A 111 -11.26 -10.51 -18.50
CA TRP A 111 -10.71 -10.05 -19.77
C TRP A 111 -9.94 -11.16 -20.48
N TYR A 112 -9.21 -11.97 -19.71
CA TYR A 112 -8.48 -13.08 -20.32
C TYR A 112 -9.44 -14.11 -20.91
N GLN A 113 -10.51 -14.46 -20.17
CA GLN A 113 -11.44 -15.46 -20.67
CA GLN A 113 -11.46 -15.44 -20.66
C GLN A 113 -12.12 -14.95 -21.94
N GLN A 114 -12.30 -13.65 -22.05
CA GLN A 114 -12.95 -13.04 -23.20
C GLN A 114 -12.03 -12.95 -24.39
N GLY A 115 -10.76 -13.33 -24.23
CA GLY A 115 -9.83 -13.40 -25.34
C GLY A 115 -8.82 -12.28 -25.41
N PHE A 116 -8.84 -11.34 -24.47
CA PHE A 116 -7.95 -10.21 -24.52
C PHE A 116 -6.58 -10.63 -24.03
N ARG A 117 -5.55 -10.09 -24.69
CA ARG A 117 -4.17 -10.52 -24.44
C ARG A 117 -3.19 -9.37 -24.30
N SER A 118 -3.58 -8.13 -24.61
CA SER A 118 -2.66 -7.01 -24.67
C SER A 118 -3.41 -5.77 -24.24
N LEU A 119 -2.66 -4.71 -23.86
CA LEU A 119 -3.37 -3.47 -23.60
C LEU A 119 -4.00 -2.88 -24.86
N GLU A 120 -3.49 -3.20 -26.07
CA GLU A 120 -4.16 -2.74 -27.27
C GLU A 120 -5.56 -3.37 -27.36
N ASP A 121 -5.67 -4.63 -26.96
CA ASP A 121 -6.95 -5.32 -26.89
C ASP A 121 -7.86 -4.64 -25.87
N ILE A 122 -7.29 -4.23 -24.73
CA ILE A 122 -8.11 -3.57 -23.72
C ILE A 122 -8.58 -2.22 -24.23
N ARG A 123 -7.63 -1.43 -24.77
CA ARG A 123 -7.94 -0.10 -25.29
C ARG A 123 -9.07 -0.18 -26.30
N SER A 124 -8.96 -1.12 -27.24
CA SER A 124 -9.87 -1.14 -28.37
C SER A 124 -11.17 -1.89 -28.16
N GLN A 125 -11.27 -2.80 -27.19
CA GLN A 125 -12.42 -3.70 -27.14
C GLN A 125 -12.99 -3.92 -25.73
N ALA A 126 -12.26 -3.58 -24.68
CA ALA A 126 -12.72 -3.83 -23.31
C ALA A 126 -13.68 -2.75 -22.84
N SER A 127 -14.60 -3.14 -21.93
CA SER A 127 -15.46 -2.17 -21.28
C SER A 127 -14.70 -1.74 -20.04
N LEU A 128 -14.38 -0.43 -19.92
CA LEU A 128 -13.61 0.06 -18.79
C LEU A 128 -14.49 0.90 -17.86
N THR A 129 -14.28 0.75 -16.55
CA THR A 129 -14.87 1.73 -15.65
C THR A 129 -14.16 3.07 -15.79
N THR A 130 -14.80 4.12 -15.27
CA THR A 130 -14.16 5.42 -15.22
C THR A 130 -12.76 5.35 -14.63
N GLN A 131 -12.62 4.65 -13.49
CA GLN A 131 -11.31 4.54 -12.85
C GLN A 131 -10.32 3.82 -13.75
N GLN A 132 -10.74 2.71 -14.37
CA GLN A 132 -9.82 1.90 -15.16
C GLN A 132 -9.37 2.65 -16.41
N ALA A 133 -10.23 3.48 -16.98
CA ALA A 133 -9.80 4.28 -18.14
C ALA A 133 -8.67 5.25 -17.74
N ILE A 134 -8.76 5.83 -16.54
CA ILE A 134 -7.72 6.70 -16.03
C ILE A 134 -6.45 5.88 -15.74
N GLY A 135 -6.63 4.71 -15.14
CA GLY A 135 -5.49 3.84 -14.92
C GLY A 135 -4.77 3.48 -16.21
N LEU A 136 -5.54 3.21 -17.26
CA LEU A 136 -4.91 2.78 -18.50
C LEU A 136 -4.17 3.96 -19.13
N LYS A 137 -4.79 5.13 -19.14
CA LYS A 137 -4.11 6.30 -19.71
C LYS A 137 -2.80 6.61 -19.00
N HIS A 138 -2.68 6.27 -17.72
CA HIS A 138 -1.48 6.52 -16.96
C HIS A 138 -0.74 5.23 -16.65
N TYR A 139 -0.89 4.22 -17.51
CA TYR A 139 -0.34 2.90 -17.19
C TYR A 139 1.16 2.95 -16.85
N SER A 140 1.97 3.49 -17.75
CA SER A 140 3.39 3.52 -17.46
C SER A 140 3.70 4.36 -16.22
N ASP A 141 3.09 5.53 -16.12
CA ASP A 141 3.46 6.47 -15.06
C ASP A 141 3.14 5.88 -13.68
N PHE A 142 2.06 5.14 -13.57
CA PHE A 142 1.70 4.62 -12.25
C PHE A 142 2.51 3.42 -11.84
N LEU A 143 3.29 2.86 -12.75
CA LEU A 143 4.25 1.82 -12.39
C LEU A 143 5.58 2.39 -11.94
N GLU A 144 5.78 3.70 -12.03
CA GLU A 144 7.07 4.30 -11.73
C GLU A 144 7.05 4.92 -10.35
N ARG A 145 8.17 4.90 -9.68
CA ARG A 145 8.28 5.60 -8.40
C ARG A 145 8.91 6.96 -8.67
N MET A 146 8.62 7.92 -7.81
N MET A 146 8.68 7.87 -7.78
CA MET A 146 9.17 9.26 -7.90
CA MET A 146 9.23 9.20 -7.91
C MET A 146 10.28 9.48 -6.86
C MET A 146 10.33 9.44 -6.89
N PRO A 147 11.28 10.32 -7.16
CA PRO A 147 12.27 10.66 -6.14
C PRO A 147 11.61 11.40 -4.99
N ARG A 148 12.12 11.18 -3.78
CA ARG A 148 11.37 11.74 -2.65
C ARG A 148 11.34 13.26 -2.69
N GLU A 149 12.32 13.88 -3.38
CA GLU A 149 12.30 15.33 -3.54
C GLU A 149 11.05 15.78 -4.30
N GLU A 150 10.54 14.95 -5.22
CA GLU A 150 9.31 15.31 -5.92
C GLU A 150 8.09 15.14 -5.01
N ALA A 151 8.08 14.08 -4.21
CA ALA A 151 7.05 13.94 -3.19
C ALA A 151 7.02 15.14 -2.27
N THR A 152 8.18 15.71 -1.95
CA THR A 152 8.19 16.92 -1.13
C THR A 152 7.49 18.06 -1.85
N GLU A 153 7.77 18.24 -3.15
CA GLU A 153 7.10 19.33 -3.87
C GLU A 153 5.59 19.10 -3.93
N ILE A 154 5.18 17.84 -4.04
CA ILE A 154 3.74 17.56 -4.09
C ILE A 154 3.09 17.85 -2.74
N GLU A 155 3.70 17.37 -1.65
CA GLU A 155 3.17 17.66 -0.31
C GLU A 155 3.04 19.16 -0.11
N GLN A 156 4.08 19.91 -0.48
CA GLN A 156 4.08 21.35 -0.27
C GLN A 156 3.02 22.02 -1.13
N THR A 157 2.75 21.50 -2.32
CA THR A 157 1.70 22.06 -3.16
C THR A 157 0.34 21.94 -2.48
N VAL A 158 0.04 20.77 -1.91
CA VAL A 158 -1.23 20.56 -1.22
C VAL A 158 -1.30 21.43 0.03
N GLN A 159 -0.21 21.49 0.80
CA GLN A 159 -0.18 22.26 2.04
C GLN A 159 -0.41 23.75 1.76
N LYS A 160 0.22 24.29 0.72
CA LYS A 160 0.02 25.71 0.42
C LYS A 160 -1.43 26.00 0.05
N ALA A 161 -2.04 25.13 -0.75
CA ALA A 161 -3.45 25.33 -1.10
C ALA A 161 -4.35 25.20 0.11
N ALA A 162 -4.04 24.27 1.01
CA ALA A 162 -4.86 24.09 2.21
C ALA A 162 -4.68 25.26 3.17
N GLN A 163 -3.44 25.62 3.48
CA GLN A 163 -3.21 26.70 4.43
C GLN A 163 -3.69 28.05 3.91
N ALA A 164 -3.94 28.17 2.61
CA ALA A 164 -4.49 29.42 2.08
C ALA A 164 -5.92 29.66 2.57
N PHE A 165 -6.71 28.60 2.74
CA PHE A 165 -8.08 28.77 3.23
C PHE A 165 -8.15 28.77 4.75
N ASN A 166 -7.21 28.11 5.43
CA ASN A 166 -7.14 28.18 6.89
C ASN A 166 -5.72 27.82 7.28
N SER A 167 -4.99 28.80 7.81
CA SER A 167 -3.58 28.59 8.13
C SER A 167 -3.40 27.64 9.32
N GLY A 168 -4.49 27.32 10.03
CA GLY A 168 -4.41 26.36 11.11
C GLY A 168 -4.35 24.92 10.66
N LEU A 169 -4.58 24.64 9.38
CA LEU A 169 -4.60 23.27 8.90
C LEU A 169 -3.20 22.67 8.97
N LEU A 170 -3.11 21.45 9.48
CA LEU A 170 -1.87 20.68 9.57
C LEU A 170 -1.86 19.62 8.46
N CYS A 171 -0.78 19.57 7.69
CA CYS A 171 -0.69 18.69 6.52
C CYS A 171 0.62 17.94 6.57
N VAL A 172 0.55 16.61 6.50
CA VAL A 172 1.73 15.77 6.69
C VAL A 172 1.73 14.69 5.62
N ALA A 173 2.85 14.56 4.88
CA ALA A 173 2.99 13.49 3.92
C ALA A 173 3.40 12.21 4.64
N CYS A 174 2.67 11.12 4.38
CA CYS A 174 2.82 9.88 5.15
C CYS A 174 3.43 8.82 4.25
N GLY A 175 2.94 7.59 4.30
CA GLY A 175 3.40 6.48 3.46
C GLY A 175 4.92 6.34 3.45
N SER A 176 5.44 5.81 2.33
CA SER A 176 6.89 5.62 2.21
C SER A 176 7.66 6.90 2.39
N TYR A 177 7.06 8.06 2.12
CA TYR A 177 7.80 9.31 2.30
C TYR A 177 8.19 9.49 3.75
N ARG A 178 7.21 9.35 4.65
CA ARG A 178 7.49 9.51 6.08
C ARG A 178 8.38 8.41 6.59
N ARG A 179 8.35 7.23 5.98
CA ARG A 179 9.24 6.16 6.43
C ARG A 179 10.67 6.38 5.93
N GLY A 180 10.89 7.44 5.16
CA GLY A 180 12.23 7.84 4.78
C GLY A 180 12.77 7.23 3.51
N LYS A 181 11.92 6.67 2.65
CA LYS A 181 12.41 5.98 1.48
C LYS A 181 12.94 7.00 0.46
N ALA A 182 13.93 6.58 -0.33
CA ALA A 182 14.49 7.46 -1.35
C ALA A 182 13.53 7.71 -2.52
N THR A 183 12.59 6.79 -2.75
CA THR A 183 11.61 6.90 -3.81
C THR A 183 10.25 6.57 -3.22
N CYS A 184 9.23 7.12 -3.85
CA CYS A 184 7.83 6.98 -3.41
C CYS A 184 6.93 6.58 -4.58
N GLY A 185 6.07 5.59 -4.35
CA GLY A 185 5.13 5.15 -5.37
C GLY A 185 4.00 6.14 -5.58
N ASP A 186 3.63 6.86 -4.55
CA ASP A 186 2.64 7.94 -4.67
C ASP A 186 2.84 8.82 -3.44
N VAL A 187 1.96 9.80 -3.26
CA VAL A 187 2.06 10.76 -2.16
C VAL A 187 0.76 10.68 -1.37
N ASP A 188 0.89 10.57 -0.06
CA ASP A 188 -0.16 10.42 0.92
C ASP A 188 -0.17 11.63 1.85
N VAL A 189 -1.14 12.52 1.71
CA VAL A 189 -1.20 13.75 2.51
C VAL A 189 -2.36 13.65 3.49
N LEU A 190 -2.04 13.73 4.78
CA LEU A 190 -3.02 13.69 5.86
C LEU A 190 -3.26 15.10 6.38
N ILE A 191 -4.52 15.50 6.49
CA ILE A 191 -4.88 16.86 6.86
C ILE A 191 -5.81 16.84 8.08
N THR A 192 -5.54 17.72 9.03
CA THR A 192 -6.41 17.87 10.19
C THR A 192 -6.28 19.31 10.69
N HIS A 193 -6.86 19.57 11.87
CA HIS A 193 -6.80 20.90 12.48
C HIS A 193 -6.92 20.78 14.00
N PRO A 194 -5.98 21.32 14.77
CA PRO A 194 -6.07 21.16 16.24
C PRO A 194 -7.35 21.73 16.83
N ASP A 195 -8.06 22.60 16.12
CA ASP A 195 -9.31 23.13 16.65
C ASP A 195 -10.40 22.08 16.73
N GLY A 196 -10.20 20.90 16.12
CA GLY A 196 -11.18 19.85 16.18
C GLY A 196 -12.44 20.07 15.37
N ARG A 197 -12.50 21.14 14.58
CA ARG A 197 -13.74 21.54 13.91
C ARG A 197 -13.49 21.96 12.47
N SER A 198 -12.43 22.75 12.27
CA SER A 198 -12.20 23.45 11.01
C SER A 198 -11.99 22.50 9.84
N HIS A 199 -11.55 21.28 10.08
CA HIS A 199 -11.27 20.36 8.98
C HIS A 199 -12.52 20.02 8.17
N ARG A 200 -13.71 20.35 8.70
CA ARG A 200 -14.96 19.86 8.13
C ARG A 200 -15.26 20.56 6.80
N GLY A 201 -15.66 19.76 5.81
CA GLY A 201 -16.26 20.27 4.60
C GLY A 201 -15.33 21.06 3.70
N ILE A 202 -14.02 20.87 3.81
CA ILE A 202 -13.07 21.68 3.06
C ILE A 202 -12.71 21.09 1.70
N PHE A 203 -13.04 19.82 1.45
CA PHE A 203 -12.62 19.17 0.22
C PHE A 203 -13.06 19.96 -1.01
N SER A 204 -14.36 20.27 -1.08
N SER A 204 -14.35 20.30 -1.07
CA SER A 204 -14.89 21.02 -2.22
CA SER A 204 -14.85 20.99 -2.25
C SER A 204 -13.99 22.20 -2.55
C SER A 204 -14.03 22.24 -2.55
N ARG A 205 -13.56 22.94 -1.51
CA ARG A 205 -12.73 24.11 -1.71
C ARG A 205 -11.30 23.72 -2.05
N LEU A 206 -10.71 22.82 -1.27
CA LEU A 206 -9.31 22.47 -1.47
C LEU A 206 -9.10 21.85 -2.85
N LEU A 207 -9.95 20.88 -3.22
CA LEU A 207 -9.78 20.22 -4.51
C LEU A 207 -10.07 21.19 -5.65
N ASP A 208 -11.09 22.04 -5.52
CA ASP A 208 -11.32 23.06 -6.53
C ASP A 208 -10.08 23.94 -6.68
N SER A 209 -9.43 24.27 -5.56
CA SER A 209 -8.25 25.11 -5.63
C SER A 209 -7.12 24.39 -6.37
N LEU A 210 -6.88 23.13 -6.03
CA LEU A 210 -5.82 22.37 -6.67
C LEU A 210 -6.17 22.06 -8.12
N ARG A 211 -7.47 21.90 -8.40
CA ARG A 211 -7.91 21.67 -9.77
C ARG A 211 -7.85 22.96 -10.57
N GLN A 212 -8.35 24.06 -9.99
CA GLN A 212 -8.22 25.36 -10.64
C GLN A 212 -6.79 25.67 -11.04
N GLU A 213 -5.81 25.05 -10.38
CA GLU A 213 -4.41 25.28 -10.73
C GLU A 213 -4.01 24.55 -12.00
N GLY A 214 -4.61 23.39 -12.27
CA GLY A 214 -4.08 22.43 -13.22
C GLY A 214 -3.26 21.33 -12.58
N PHE A 215 -3.04 21.40 -11.27
CA PHE A 215 -2.24 20.41 -10.56
C PHE A 215 -2.96 19.07 -10.53
N LEU A 216 -4.25 19.07 -10.19
CA LEU A 216 -5.05 17.85 -10.15
C LEU A 216 -5.56 17.58 -11.55
N THR A 217 -5.24 16.41 -12.10
CA THR A 217 -5.57 16.12 -13.50
C THR A 217 -6.70 15.10 -13.65
N ASP A 218 -6.90 14.23 -12.67
N ASP A 218 -6.94 14.24 -12.66
CA ASP A 218 -7.97 13.24 -12.70
CA ASP A 218 -8.03 13.28 -12.73
C ASP A 218 -8.37 12.89 -11.27
C ASP A 218 -8.33 12.74 -11.34
N ASP A 219 -9.62 12.46 -11.11
CA ASP A 219 -10.12 11.98 -9.82
C ASP A 219 -10.50 10.51 -9.92
N LEU A 220 -10.04 9.71 -8.96
CA LEU A 220 -10.32 8.28 -8.91
C LEU A 220 -11.36 7.96 -7.87
N VAL A 221 -11.21 8.55 -6.70
CA VAL A 221 -12.12 8.38 -5.57
C VAL A 221 -12.32 9.74 -4.93
N LYS A 222 -13.57 10.11 -4.66
CA LYS A 222 -13.93 11.40 -4.06
C LYS A 222 -14.93 11.16 -2.95
N GLY A 223 -14.43 10.70 -1.81
CA GLY A 223 -15.27 10.47 -0.66
C GLY A 223 -15.29 11.65 0.30
N GLU A 224 -16.10 11.47 1.36
CA GLU A 224 -16.25 12.55 2.33
C GLU A 224 -14.97 12.77 3.12
N THR A 225 -14.18 11.72 3.33
CA THR A 225 -12.95 11.86 4.05
C THR A 225 -11.70 11.56 3.25
N LYS A 226 -11.78 10.78 2.17
CA LYS A 226 -10.58 10.55 1.38
C LYS A 226 -10.77 10.80 -0.09
N TYR A 227 -9.72 11.38 -0.64
CA TYR A 227 -9.60 11.66 -2.07
C TYR A 227 -8.43 10.85 -2.59
N LEU A 228 -8.66 10.11 -3.68
CA LEU A 228 -7.56 9.51 -4.44
C LEU A 228 -7.61 10.04 -5.86
N GLY A 229 -6.50 10.52 -6.33
CA GLY A 229 -6.47 11.01 -7.69
C GLY A 229 -5.11 11.11 -8.28
N VAL A 230 -4.97 12.05 -9.18
CA VAL A 230 -3.81 12.13 -10.07
C VAL A 230 -3.38 13.57 -10.18
N CYS A 231 -2.09 13.83 -10.04
CA CYS A 231 -1.60 15.20 -10.15
C CYS A 231 -0.36 15.23 -11.03
N ARG A 232 0.04 16.44 -11.38
CA ARG A 232 1.28 16.64 -12.13
C ARG A 232 1.81 18.02 -11.81
N LEU A 233 3.06 18.11 -11.36
CA LEU A 233 3.63 19.43 -11.15
C LEU A 233 3.88 20.11 -12.48
N PRO A 234 4.02 21.43 -12.48
CA PRO A 234 4.17 22.17 -13.73
C PRO A 234 5.59 22.11 -14.29
N GLY A 235 5.71 22.46 -15.56
CA GLY A 235 6.99 22.53 -16.21
C GLY A 235 7.27 21.29 -17.04
N PRO A 236 8.41 21.26 -17.71
CA PRO A 236 8.76 20.11 -18.55
C PRO A 236 9.33 18.97 -17.71
N GLY A 237 9.38 17.80 -18.33
CA GLY A 237 9.95 16.65 -17.68
C GLY A 237 9.18 16.14 -16.50
N ARG A 238 7.89 16.43 -16.40
CA ARG A 238 7.08 15.96 -15.29
C ARG A 238 6.17 14.82 -15.73
N ARG A 239 6.03 13.82 -14.85
CA ARG A 239 5.09 12.73 -14.98
C ARG A 239 3.87 12.93 -14.10
N HIS A 240 2.78 12.29 -14.49
CA HIS A 240 1.58 12.21 -13.63
C HIS A 240 1.84 11.28 -12.44
N ARG A 241 1.41 11.71 -11.26
CA ARG A 241 1.65 10.99 -10.03
C ARG A 241 0.35 10.73 -9.28
N ARG A 242 0.29 9.58 -8.61
CA ARG A 242 -0.83 9.30 -7.73
C ARG A 242 -0.73 10.12 -6.45
N LEU A 243 -1.87 10.65 -6.04
CA LEU A 243 -1.97 11.50 -4.85
C LEU A 243 -3.19 11.07 -4.07
N ASP A 244 -3.02 10.85 -2.76
CA ASP A 244 -4.12 10.54 -1.85
C ASP A 244 -4.15 11.63 -0.79
N ILE A 245 -5.34 12.13 -0.49
CA ILE A 245 -5.51 13.15 0.54
C ILE A 245 -6.59 12.67 1.49
N ILE A 246 -6.29 12.70 2.78
CA ILE A 246 -7.23 12.25 3.78
C ILE A 246 -7.39 13.37 4.80
N VAL A 247 -8.63 13.68 5.15
CA VAL A 247 -8.96 14.74 6.11
C VAL A 247 -9.61 14.08 7.32
N VAL A 248 -9.04 14.29 8.50
CA VAL A 248 -9.53 13.59 9.70
C VAL A 248 -9.68 14.57 10.85
N PRO A 249 -10.51 14.24 11.84
CA PRO A 249 -10.56 15.04 13.07
C PRO A 249 -9.30 14.89 13.89
N TYR A 250 -8.97 15.95 14.63
CA TYR A 250 -7.75 15.90 15.43
C TYR A 250 -7.77 14.76 16.43
N SER A 251 -8.96 14.39 16.94
CA SER A 251 -9.09 13.29 17.89
C SER A 251 -8.50 12.00 17.34
N GLU A 252 -8.46 11.87 16.03
CA GLU A 252 -8.05 10.63 15.37
C GLU A 252 -6.66 10.75 14.77
N PHE A 253 -5.95 11.87 15.02
CA PHE A 253 -4.75 12.17 14.25
C PHE A 253 -3.69 11.11 14.46
N ALA A 254 -3.50 10.65 15.70
CA ALA A 254 -2.42 9.70 15.94
C ALA A 254 -2.69 8.37 15.22
N CYS A 255 -3.91 7.85 15.32
CA CYS A 255 -4.20 6.60 14.63
C CYS A 255 -4.22 6.75 13.12
N ALA A 256 -4.63 7.92 12.62
CA ALA A 256 -4.60 8.17 11.18
C ALA A 256 -3.17 8.26 10.66
N LEU A 257 -2.30 8.93 11.42
CA LEU A 257 -0.89 9.00 11.09
C LEU A 257 -0.27 7.62 11.07
N LEU A 258 -0.53 6.82 12.12
CA LEU A 258 -0.04 5.45 12.16
C LEU A 258 -0.48 4.67 10.93
N TYR A 259 -1.77 4.72 10.64
CA TYR A 259 -2.28 3.96 9.49
C TYR A 259 -1.64 4.43 8.20
N PHE A 260 -1.76 5.68 7.92
CA PHE A 260 -1.30 6.22 6.69
C PHE A 260 0.21 6.16 6.46
N THR A 261 0.99 6.13 7.51
CA THR A 261 2.45 5.96 7.40
C THR A 261 2.84 4.51 7.09
N GLY A 262 2.06 3.53 7.54
CA GLY A 262 2.34 2.15 7.16
C GLY A 262 3.66 1.68 7.81
N SER A 263 4.29 0.66 7.21
CA SER A 263 3.87 0.03 5.95
C SER A 263 2.59 -0.79 6.06
N ALA A 264 2.10 -1.31 4.92
CA ALA A 264 0.89 -2.13 4.98
C ALA A 264 1.09 -3.36 5.87
N HIS A 265 2.22 -4.05 5.70
CA HIS A 265 2.48 -5.24 6.51
C HIS A 265 2.62 -4.86 7.97
N PHE A 266 3.23 -3.71 8.24
CA PHE A 266 3.30 -3.21 9.61
C PHE A 266 1.90 -2.99 10.17
N ASN A 267 1.01 -2.39 9.39
CA ASN A 267 -0.33 -2.15 9.92
C ASN A 267 -1.05 -3.46 10.20
N ARG A 268 -0.96 -4.39 9.26
CA ARG A 268 -1.63 -5.68 9.45
C ARG A 268 -1.07 -6.39 10.68
N SER A 269 0.23 -6.29 10.90
CA SER A 269 0.85 -6.90 12.07
C SER A 269 0.39 -6.25 13.37
N MET A 270 0.38 -4.92 13.43
N MET A 270 0.41 -4.92 13.42
CA MET A 270 -0.09 -4.26 14.64
CA MET A 270 -0.09 -4.21 14.60
C MET A 270 -1.56 -4.56 14.89
C MET A 270 -1.55 -4.59 14.88
N ARG A 271 -2.38 -4.53 13.84
CA ARG A 271 -3.81 -4.80 14.03
C ARG A 271 -4.04 -6.23 14.51
N ALA A 272 -3.28 -7.19 13.98
CA ALA A 272 -3.41 -8.56 14.44
C ALA A 272 -3.04 -8.69 15.91
N LEU A 273 -1.97 -8.02 16.31
CA LEU A 273 -1.58 -8.02 17.71
C LEU A 273 -2.70 -7.44 18.57
N ALA A 274 -3.20 -6.27 18.17
CA ALA A 274 -4.27 -5.64 18.93
C ALA A 274 -5.43 -6.60 19.13
N LYS A 275 -5.77 -7.38 18.11
CA LYS A 275 -6.91 -8.25 18.28
C LYS A 275 -6.60 -9.38 19.27
N THR A 276 -5.36 -9.88 19.29
CA THR A 276 -5.06 -10.91 20.31
C THR A 276 -5.31 -10.40 21.72
N LYS A 277 -5.15 -9.09 21.94
CA LYS A 277 -5.29 -8.50 23.26
C LYS A 277 -6.70 -8.00 23.52
N GLY A 278 -7.68 -8.43 22.74
CA GLY A 278 -9.03 -7.95 22.94
C GLY A 278 -9.21 -6.49 22.58
N MET A 279 -8.44 -6.02 21.61
CA MET A 279 -8.53 -4.64 21.20
C MET A 279 -8.76 -4.63 19.70
N SER A 280 -8.92 -3.44 19.16
CA SER A 280 -9.12 -3.31 17.72
C SER A 280 -8.47 -2.01 17.32
N LEU A 281 -7.71 -2.05 16.23
CA LEU A 281 -6.96 -0.88 15.79
C LEU A 281 -7.38 -0.54 14.35
N SER A 282 -7.71 0.72 14.14
CA SER A 282 -8.09 1.21 12.84
C SER A 282 -7.44 2.57 12.64
N GLU A 283 -7.67 3.15 11.46
CA GLU A 283 -7.19 4.51 11.27
C GLU A 283 -7.97 5.52 12.05
N HIS A 284 -9.13 5.12 12.62
CA HIS A 284 -9.95 5.98 13.47
C HIS A 284 -9.55 5.95 14.95
N ALA A 285 -9.13 4.79 15.46
CA ALA A 285 -9.04 4.66 16.90
C ALA A 285 -8.43 3.33 17.26
N LEU A 286 -7.83 3.29 18.45
CA LEU A 286 -7.52 2.05 19.14
C LEU A 286 -8.62 1.84 20.18
N SER A 287 -9.31 0.70 20.09
CA SER A 287 -10.46 0.37 20.94
C SER A 287 -10.23 -0.92 21.71
N THR A 288 -11.02 -1.11 22.75
N THR A 288 -10.85 -1.00 22.89
CA THR A 288 -11.26 -2.46 23.22
CA THR A 288 -10.62 -2.03 23.88
C THR A 288 -12.24 -3.15 22.25
C THR A 288 -11.97 -2.60 24.33
N ALA A 289 -12.10 -4.47 22.14
N ALA A 289 -11.93 -3.79 24.92
CA ALA A 289 -12.89 -5.22 21.16
CA ALA A 289 -13.16 -4.47 25.36
C ALA A 289 -14.19 -5.69 21.80
C ALA A 289 -14.07 -4.82 24.18
N VAL A 290 -14.81 -6.72 21.23
N VAL A 290 -13.47 -5.13 23.04
CA VAL A 290 -15.98 -7.37 21.83
CA VAL A 290 -14.23 -5.44 21.82
C VAL A 290 -16.35 -8.59 20.98
C VAL A 290 -14.98 -6.76 21.98
N PRO A 301 -20.64 -2.32 21.54
CA PRO A 301 -19.32 -2.11 20.96
C PRO A 301 -18.22 -2.10 22.03
N GLY A 302 -17.03 -1.62 21.67
CA GLY A 302 -15.96 -1.45 22.62
C GLY A 302 -15.77 0.02 23.00
N ARG A 303 -14.69 0.27 23.74
CA ARG A 303 -14.33 1.61 24.20
C ARG A 303 -13.15 2.13 23.40
N VAL A 304 -13.27 3.35 22.88
CA VAL A 304 -12.13 4.05 22.28
C VAL A 304 -11.16 4.45 23.38
N LEU A 305 -9.89 4.10 23.22
CA LEU A 305 -8.83 4.47 24.15
C LEU A 305 -8.17 5.77 23.73
N PRO A 306 -7.79 6.63 24.67
CA PRO A 306 -7.19 7.91 24.30
C PRO A 306 -5.79 7.72 23.72
N THR A 307 -5.59 8.19 22.50
CA THR A 307 -4.30 8.08 21.80
C THR A 307 -3.94 9.44 21.22
N PRO A 308 -3.42 10.36 22.05
CA PRO A 308 -2.94 11.64 21.54
C PRO A 308 -1.72 11.53 20.62
N THR A 309 -0.88 10.52 20.82
CA THR A 309 0.35 10.37 20.05
C THR A 309 0.43 8.96 19.52
N GLU A 310 1.21 8.79 18.44
CA GLU A 310 1.56 7.44 18.01
C GLU A 310 2.18 6.65 19.15
N LYS A 311 3.05 7.30 19.93
CA LYS A 311 3.68 6.63 21.05
C LYS A 311 2.63 6.01 21.99
N ASP A 312 1.48 6.66 22.16
CA ASP A 312 0.45 6.10 23.04
C ASP A 312 -0.13 4.82 22.47
N VAL A 313 -0.28 4.73 21.13
CA VAL A 313 -0.79 3.49 20.55
C VAL A 313 0.15 2.35 20.89
N PHE A 314 1.46 2.57 20.71
CA PHE A 314 2.42 1.51 20.98
C PHE A 314 2.37 1.11 22.45
N ARG A 315 2.29 2.11 23.34
CA ARG A 315 2.31 1.85 24.78
C ARG A 315 1.09 1.04 25.22
N LEU A 316 -0.09 1.39 24.68
CA LEU A 316 -1.29 0.66 25.06
C LEU A 316 -1.28 -0.74 24.49
N LEU A 317 -0.53 -1.00 23.42
CA LEU A 317 -0.34 -2.35 22.93
C LEU A 317 0.84 -3.06 23.59
N GLY A 318 1.49 -2.43 24.57
CA GLY A 318 2.59 -3.07 25.25
C GLY A 318 3.83 -3.24 24.42
N LEU A 319 4.03 -2.40 23.41
CA LEU A 319 5.19 -2.50 22.55
C LEU A 319 6.02 -1.22 22.65
N PRO A 320 7.33 -1.30 22.40
CA PRO A 320 8.16 -0.10 22.36
C PRO A 320 7.87 0.73 21.13
N TYR A 321 8.03 2.04 21.27
CA TYR A 321 7.77 2.93 20.15
C TYR A 321 8.76 2.67 19.03
N ARG A 322 8.26 2.69 17.78
CA ARG A 322 9.10 2.59 16.59
C ARG A 322 8.93 3.84 15.74
N GLU A 323 10.04 4.47 15.39
CA GLU A 323 10.01 5.58 14.48
C GLU A 323 9.54 5.10 13.11
N PRO A 324 9.05 6.00 12.27
CA PRO A 324 8.55 5.56 10.94
C PRO A 324 9.55 4.74 10.14
N ALA A 325 10.85 5.05 10.22
CA ALA A 325 11.80 4.31 9.42
C ALA A 325 11.86 2.85 9.84
N GLU A 326 11.56 2.53 11.06
CA GLU A 326 11.60 1.12 11.35
C GLU A 326 10.23 0.47 11.35
N ARG A 327 9.35 0.98 10.51
CA ARG A 327 8.06 0.37 10.20
C ARG A 327 7.99 -0.13 8.76
N ASP A 328 9.14 -0.29 8.11
CA ASP A 328 9.19 -0.46 6.66
C ASP A 328 9.20 -1.95 6.30
N TRP A 329 8.18 -2.64 6.79
CA TRP A 329 8.05 -4.07 6.64
C TRP A 329 7.30 -4.42 5.36
#